data_3EJH
#
_entry.id   3EJH
#
_cell.length_a   56.840
_cell.length_b   56.840
_cell.length_c   150.220
_cell.angle_alpha   90.000
_cell.angle_beta   90.000
_cell.angle_gamma   120.000
#
_symmetry.space_group_name_H-M   'P 31 2 1'
#
loop_
_entity.id
_entity.type
_entity.pdbx_description
1 polymer Fibronectin
2 polymer 'Collagen type-I a1 chain'
3 non-polymer 2-acetamido-2-deoxy-beta-D-glucopyranose
4 non-polymer GLYCEROL
5 water water
#
loop_
_entity_poly.entity_id
_entity_poly.type
_entity_poly.pdbx_seq_one_letter_code
_entity_poly.pdbx_strand_id
1 'polypeptide(L)'
;DQCIVDDITYNVQDTFHKKHEEGHMLNCTCFGQGRGRWKCDPVDQCQDSETGTFYQIGDSWEKYVHGVRYQCYCYGRGIG
EWHCQPLQTYPSS
;
A,B
2 'polypeptide(L)' GQRGVVGL(HYP)GQRGERGF(HYP)GL(HYP)GY E,F
#
# COMPACT_ATOMS: atom_id res chain seq x y z
N ASP A 1 -11.60 -18.91 -1.47
CA ASP A 1 -11.98 -17.91 -2.46
C ASP A 1 -10.80 -16.97 -2.72
N GLN A 2 -10.82 -16.29 -3.85
CA GLN A 2 -9.80 -15.30 -4.17
C GLN A 2 -10.38 -14.18 -5.00
N CYS A 3 -9.71 -13.02 -4.98
CA CYS A 3 -10.14 -11.92 -5.84
C CYS A 3 -9.19 -11.82 -7.01
N ILE A 4 -9.72 -11.53 -8.18
CA ILE A 4 -8.85 -11.23 -9.30
C ILE A 4 -9.14 -9.84 -9.85
N VAL A 5 -8.09 -9.01 -9.88
CA VAL A 5 -8.16 -7.58 -10.22
C VAL A 5 -6.97 -7.07 -11.06
N ASP A 6 -7.28 -6.51 -12.23
CA ASP A 6 -6.26 -6.15 -13.24
C ASP A 6 -5.25 -7.30 -13.34
N ASP A 7 -5.77 -8.52 -13.55
CA ASP A 7 -4.96 -9.73 -13.74
C ASP A 7 -4.13 -10.15 -12.53
N ILE A 8 -4.48 -9.61 -11.37
CA ILE A 8 -3.72 -9.93 -10.17
C ILE A 8 -4.60 -10.66 -9.17
N THR A 9 -4.05 -11.70 -8.57
CA THR A 9 -4.85 -12.57 -7.71
C THR A 9 -4.63 -12.19 -6.25
N TYR A 10 -5.72 -12.05 -5.50
CA TYR A 10 -5.59 -11.73 -4.09
C TYR A 10 -6.23 -12.76 -3.20
N ASN A 11 -5.66 -12.94 -2.03
CA ASN A 11 -6.29 -13.74 -1.00
C ASN A 11 -7.33 -12.94 -0.27
N VAL A 12 -8.33 -13.63 0.27
CA VAL A 12 -9.33 -13.01 1.11
C VAL A 12 -8.61 -12.33 2.27
N GLN A 13 -9.05 -11.10 2.57
CA GLN A 13 -8.44 -10.23 3.58
C GLN A 13 -7.23 -9.45 3.09
N ASP A 14 -6.76 -9.72 1.87
CA ASP A 14 -5.67 -8.90 1.33
C ASP A 14 -6.12 -7.46 1.15
N THR A 15 -5.19 -6.53 1.31
CA THR A 15 -5.44 -5.17 0.95
C THR A 15 -4.40 -4.75 -0.06
N PHE A 16 -4.77 -3.81 -0.93
CA PHE A 16 -3.93 -3.44 -2.06
C PHE A 16 -4.36 -2.08 -2.55
N HIS A 17 -3.53 -1.47 -3.38
CA HIS A 17 -3.89 -0.23 -4.05
C HIS A 17 -4.14 -0.48 -5.52
N LYS A 18 -4.87 0.43 -6.14
CA LYS A 18 -5.24 0.33 -7.53
C LYS A 18 -5.44 1.75 -8.04
N LYS A 19 -4.98 2.03 -9.26
CA LYS A 19 -5.25 3.32 -9.87
C LYS A 19 -6.58 3.23 -10.61
N HIS A 20 -7.49 4.16 -10.33
CA HIS A 20 -8.74 4.21 -11.11
C HIS A 20 -8.38 4.63 -12.54
N GLU A 21 -9.23 4.27 -13.50
CA GLU A 21 -8.98 4.58 -14.91
C GLU A 21 -8.89 6.10 -15.14
N GLU A 22 -9.63 6.86 -14.34
CA GLU A 22 -9.62 8.31 -14.47
C GLU A 22 -8.41 8.95 -13.80
N GLY A 23 -7.59 8.14 -13.14
CA GLY A 23 -6.30 8.63 -12.69
C GLY A 23 -6.04 8.67 -11.19
N HIS A 24 -7.09 8.62 -10.36
CA HIS A 24 -6.88 8.76 -8.91
C HIS A 24 -6.61 7.41 -8.23
N MET A 25 -6.04 7.45 -7.04
N MET A 25 -6.12 7.47 -7.00
CA MET A 25 -5.66 6.22 -6.33
CA MET A 25 -5.68 6.29 -6.27
C MET A 25 -6.75 5.71 -5.41
C MET A 25 -6.77 5.71 -5.40
N LEU A 26 -6.85 4.38 -5.36
CA LEU A 26 -7.83 3.70 -4.53
C LEU A 26 -7.09 2.78 -3.57
N ASN A 27 -7.69 2.55 -2.41
CA ASN A 27 -7.27 1.47 -1.54
C ASN A 27 -8.40 0.45 -1.44
N CYS A 28 -8.04 -0.82 -1.52
CA CYS A 28 -9.01 -1.88 -1.76
C CYS A 28 -8.83 -3.03 -0.80
N THR A 29 -9.91 -3.80 -0.66
CA THR A 29 -9.89 -5.02 0.14
C THR A 29 -10.47 -6.17 -0.68
N CYS A 30 -9.86 -7.34 -0.56
CA CYS A 30 -10.45 -8.56 -1.15
C CYS A 30 -11.32 -9.25 -0.12
N PHE A 31 -12.61 -9.34 -0.45
CA PHE A 31 -13.60 -9.98 0.42
C PHE A 31 -13.89 -11.44 0.04
N GLY A 32 -13.93 -11.75 -1.24
CA GLY A 32 -14.21 -13.12 -1.69
C GLY A 32 -15.68 -13.47 -1.64
N GLN A 33 -16.10 -14.06 -0.51
CA GLN A 33 -17.49 -14.43 -0.32
C GLN A 33 -18.05 -15.33 -1.41
N GLY A 34 -17.22 -16.16 -2.00
CA GLY A 34 -17.70 -17.08 -3.00
C GLY A 34 -17.61 -16.56 -4.42
N ARG A 35 -17.51 -15.26 -4.59
CA ARG A 35 -17.44 -14.75 -5.96
C ARG A 35 -16.26 -13.79 -6.18
N GLY A 36 -15.20 -13.96 -5.39
CA GLY A 36 -14.01 -13.14 -5.54
C GLY A 36 -14.36 -11.66 -5.45
N ARG A 37 -15.25 -11.33 -4.53
CA ARG A 37 -15.73 -9.95 -4.42
C ARG A 37 -14.68 -9.00 -3.82
N TRP A 38 -14.57 -7.81 -4.38
CA TRP A 38 -13.61 -6.82 -3.89
C TRP A 38 -14.21 -5.45 -3.98
N LYS A 39 -13.64 -4.52 -3.23
N LYS A 39 -13.69 -4.53 -3.18
CA LYS A 39 -14.12 -3.15 -3.18
CA LYS A 39 -14.13 -3.14 -3.23
C LYS A 39 -12.94 -2.21 -3.01
C LYS A 39 -12.94 -2.21 -3.03
N CYS A 40 -13.04 -1.00 -3.57
CA CYS A 40 -11.97 -0.01 -3.48
C CYS A 40 -12.57 1.34 -3.12
N ASP A 41 -11.91 2.09 -2.21
CA ASP A 41 -12.28 3.45 -1.86
C ASP A 41 -11.20 4.39 -2.38
N PRO A 42 -11.61 5.61 -2.74
CA PRO A 42 -10.59 6.63 -3.10
C PRO A 42 -9.84 7.01 -1.83
N VAL A 43 -8.54 7.15 -1.91
CA VAL A 43 -7.81 7.61 -0.76
C VAL A 43 -7.75 9.13 -0.75
N ASP A 44 -7.36 9.68 0.38
CA ASP A 44 -7.16 11.10 0.46
C ASP A 44 -5.95 11.49 -0.39
N GLN A 45 -6.16 12.43 -1.30
CA GLN A 45 -5.14 12.78 -2.29
C GLN A 45 -5.49 14.12 -2.90
N CYS A 46 -4.58 14.68 -3.68
CA CYS A 46 -4.79 16.01 -4.23
C CYS A 46 -5.02 15.99 -5.72
N GLN A 47 -5.82 16.94 -6.22
CA GLN A 47 -6.01 17.04 -7.66
C GLN A 47 -5.68 18.42 -8.12
N ASP A 48 -4.71 18.50 -9.04
CA ASP A 48 -4.26 19.76 -9.57
C ASP A 48 -5.36 20.37 -10.42
N SER A 49 -5.84 21.53 -10.00
CA SER A 49 -7.02 22.14 -10.60
C SER A 49 -6.84 22.47 -12.08
N GLU A 50 -5.60 22.58 -12.54
CA GLU A 50 -5.37 22.91 -13.95
C GLU A 50 -5.20 21.68 -14.82
N THR A 51 -4.23 20.84 -14.49
CA THR A 51 -3.90 19.69 -15.32
C THR A 51 -4.83 18.49 -15.09
N GLY A 52 -5.63 18.53 -14.03
CA GLY A 52 -6.46 17.39 -13.67
C GLY A 52 -5.69 16.23 -13.07
N THR A 53 -4.36 16.35 -13.01
CA THR A 53 -3.51 15.28 -12.50
C THR A 53 -3.64 15.06 -10.99
N PHE A 54 -3.61 13.79 -10.59
CA PHE A 54 -3.68 13.44 -9.18
C PHE A 54 -2.31 13.27 -8.57
N TYR A 55 -2.17 13.74 -7.33
CA TYR A 55 -0.94 13.57 -6.56
C TYR A 55 -1.26 12.97 -5.21
N GLN A 56 -0.36 12.13 -4.71
CA GLN A 56 -0.54 11.52 -3.40
C GLN A 56 0.10 12.36 -2.29
N ILE A 57 -0.42 12.20 -1.08
CA ILE A 57 0.10 12.91 0.07
C ILE A 57 1.61 12.77 0.11
N GLY A 58 2.32 13.88 0.28
CA GLY A 58 3.77 13.85 0.29
C GLY A 58 4.39 14.07 -1.08
N ASP A 59 3.59 14.00 -2.13
CA ASP A 59 4.11 14.29 -3.46
C ASP A 59 4.29 15.77 -3.66
N SER A 60 5.32 16.16 -4.40
CA SER A 60 5.45 17.55 -4.79
C SER A 60 5.46 17.66 -6.30
N TRP A 61 5.03 18.81 -6.82
CA TRP A 61 5.11 19.02 -8.25
C TRP A 61 5.28 20.49 -8.63
N GLU A 62 5.61 20.71 -9.89
CA GLU A 62 5.81 22.06 -10.38
C GLU A 62 4.69 22.41 -11.34
N LYS A 63 4.16 23.61 -11.23
CA LYS A 63 3.21 24.06 -12.22
C LYS A 63 3.89 25.16 -13.03
N TYR A 64 3.63 25.15 -14.33
N TYR A 64 3.60 25.18 -14.33
CA TYR A 64 4.10 26.22 -15.21
CA TYR A 64 4.08 26.27 -15.18
C TYR A 64 2.87 26.85 -15.83
C TYR A 64 2.86 26.96 -15.81
N VAL A 65 1.83 27.00 -15.01
N VAL A 65 2.41 28.02 -15.17
CA VAL A 65 0.63 27.69 -15.43
CA VAL A 65 1.21 28.72 -15.64
C VAL A 65 1.04 29.08 -15.85
C VAL A 65 1.26 30.24 -15.40
N HIS A 66 0.43 29.59 -16.91
N HIS A 66 0.64 31.00 -16.31
CA HIS A 66 0.86 30.85 -17.49
CA HIS A 66 0.74 32.46 -16.33
C HIS A 66 2.38 30.89 -17.57
C HIS A 66 2.19 32.88 -16.52
N GLY A 67 2.96 32.04 -17.21
CA GLY A 67 4.39 32.26 -17.37
C GLY A 67 5.16 32.31 -16.07
N VAL A 68 4.70 31.53 -15.09
CA VAL A 68 5.34 31.46 -13.77
C VAL A 68 5.48 30.02 -13.36
N ARG A 69 6.62 29.68 -12.79
CA ARG A 69 6.85 28.33 -12.31
C ARG A 69 6.68 28.29 -10.80
N TYR A 70 5.94 27.28 -10.34
CA TYR A 70 5.68 27.08 -8.92
C TYR A 70 5.99 25.68 -8.54
N GLN A 71 6.26 25.52 -7.25
CA GLN A 71 6.37 24.23 -6.62
C GLN A 71 5.15 24.00 -5.70
N CYS A 72 4.50 22.84 -5.86
CA CYS A 72 3.29 22.48 -5.12
C CYS A 72 3.50 21.19 -4.29
N TYR A 73 2.78 21.06 -3.19
CA TYR A 73 2.89 19.93 -2.28
C TYR A 73 1.49 19.44 -1.86
N CYS A 74 1.31 18.13 -1.77
CA CYS A 74 0.01 17.54 -1.35
C CYS A 74 0.04 17.16 0.12
N TYR A 75 -0.75 17.85 0.94
CA TYR A 75 -0.77 17.61 2.37
C TYR A 75 -1.85 16.61 2.74
N GLY A 76 -2.96 16.65 2.01
CA GLY A 76 -4.07 15.73 2.23
C GLY A 76 -4.93 16.24 3.35
N ARG A 77 -4.59 15.83 4.57
CA ARG A 77 -5.27 16.33 5.76
C ARG A 77 -6.78 16.11 5.67
N GLY A 78 -7.17 15.08 4.92
CA GLY A 78 -8.56 14.63 4.91
C GLY A 78 -9.41 15.44 3.97
N ILE A 79 -8.78 16.36 3.27
CA ILE A 79 -9.54 17.23 2.39
C ILE A 79 -8.84 17.45 1.06
N GLY A 80 -7.90 16.56 0.74
CA GLY A 80 -7.14 16.68 -0.49
C GLY A 80 -6.45 18.02 -0.57
N GLU A 81 -5.93 18.49 0.56
CA GLU A 81 -5.33 19.81 0.64
C GLU A 81 -3.93 19.90 0.03
N TRP A 82 -3.74 20.87 -0.84
CA TRP A 82 -2.42 21.16 -1.44
C TRP A 82 -2.16 22.67 -1.53
N HIS A 83 -0.87 23.08 -1.53
CA HIS A 83 -0.48 24.47 -1.74
C HIS A 83 0.74 24.61 -2.64
N CYS A 84 0.92 25.78 -3.24
CA CYS A 84 2.04 26.07 -4.13
C CYS A 84 2.82 27.31 -3.67
N GLN A 85 4.07 27.41 -4.09
CA GLN A 85 4.89 28.60 -3.88
C GLN A 85 5.63 28.86 -5.16
N PRO A 86 5.85 30.14 -5.48
CA PRO A 86 6.64 30.44 -6.67
C PRO A 86 8.04 29.87 -6.54
N LEU A 87 8.58 29.44 -7.67
CA LEU A 87 9.96 28.96 -7.69
C LEU A 87 10.83 30.13 -7.22
N GLN A 88 11.74 29.82 -6.31
CA GLN A 88 12.52 30.86 -5.65
C GLN A 88 13.96 30.39 -5.55
N THR A 89 14.89 31.28 -5.88
CA THR A 89 16.30 30.97 -5.67
C THR A 89 16.69 31.33 -4.24
N TYR A 90 17.42 30.42 -3.60
CA TYR A 90 17.98 30.68 -2.27
C TYR A 90 19.51 30.60 -2.32
N PRO A 91 20.18 31.14 -1.29
CA PRO A 91 21.64 31.00 -1.18
C PRO A 91 22.06 29.54 -1.10
N VAL B 5 -16.69 19.31 -3.08
CA VAL B 5 -17.51 18.55 -2.14
C VAL B 5 -17.85 17.16 -2.69
N VAL B 6 -17.93 17.05 -4.01
CA VAL B 6 -18.21 15.81 -4.72
C VAL B 6 -17.04 14.84 -4.66
N GLY B 7 -17.23 13.72 -3.96
CA GLY B 7 -16.16 12.75 -3.77
C GLY B 7 -15.72 12.09 -5.06
N LEU B 8 -14.51 11.53 -5.04
CA LEU B 8 -14.05 10.67 -6.13
C LEU B 8 -14.79 9.34 -6.09
N GLY B 10 -15.35 5.36 -5.99
CA GLY B 10 -14.66 4.12 -5.69
C GLY B 10 -14.93 3.15 -6.82
N GLN B 11 -14.57 1.90 -6.62
CA GLN B 11 -14.78 0.87 -7.62
C GLN B 11 -15.05 -0.45 -6.91
N ARG B 12 -15.79 -1.35 -7.56
CA ARG B 12 -16.01 -2.66 -6.99
C ARG B 12 -16.05 -3.68 -8.12
N GLY B 13 -15.88 -4.95 -7.80
CA GLY B 13 -16.13 -5.98 -8.78
C GLY B 13 -16.26 -7.34 -8.15
N GLU B 14 -16.44 -8.35 -9.00
CA GLU B 14 -16.57 -9.73 -8.57
C GLU B 14 -16.84 -10.59 -9.77
N ARG B 15 -16.69 -11.88 -9.58
CA ARG B 15 -17.06 -12.84 -10.60
C ARG B 15 -18.58 -12.77 -10.84
N GLY B 16 -18.94 -12.45 -12.06
CA GLY B 16 -20.34 -12.38 -12.41
C GLY B 16 -20.94 -11.02 -12.13
N PHE B 17 -20.08 -10.01 -11.95
CA PHE B 17 -20.57 -8.64 -11.92
C PHE B 17 -21.33 -8.44 -13.21
N GLY B 19 -22.64 -5.30 -14.88
CA GLY B 19 -21.95 -4.25 -15.64
C GLY B 19 -21.69 -4.52 -17.11
N ASP C 1 -13.40 -4.40 23.97
CA ASP C 1 -13.19 -5.13 22.73
C ASP C 1 -11.76 -5.65 22.64
N GLN C 2 -11.55 -6.65 21.79
CA GLN C 2 -10.22 -7.21 21.57
C GLN C 2 -10.13 -7.70 20.14
N CYS C 3 -8.92 -7.71 19.59
CA CYS C 3 -8.70 -8.35 18.32
C CYS C 3 -8.16 -9.76 18.54
N ILE C 4 -8.58 -10.69 17.69
CA ILE C 4 -7.94 -12.00 17.69
C ILE C 4 -7.48 -12.25 16.31
N VAL C 5 -6.19 -12.47 16.18
N VAL C 5 -6.20 -12.56 16.14
CA VAL C 5 -5.60 -12.54 14.88
CA VAL C 5 -5.69 -12.65 14.79
C VAL C 5 -4.85 -13.85 14.92
C VAL C 5 -5.32 -14.08 14.40
N ASP C 6 -5.26 -14.74 14.03
N ASP C 6 -4.11 -14.50 14.76
CA ASP C 6 -4.96 -16.17 14.16
CA ASP C 6 -3.69 -15.88 14.56
C ASP C 6 -5.52 -16.62 15.50
C ASP C 6 -3.79 -16.59 15.91
N ASP C 7 -4.64 -16.86 16.46
N ASP C 7 -5.01 -16.62 16.43
CA ASP C 7 -5.09 -17.28 17.78
CA ASP C 7 -5.28 -17.17 17.75
C ASP C 7 -4.51 -16.42 18.87
C ASP C 7 -4.60 -16.38 18.86
N ILE C 8 -4.00 -15.24 18.51
CA ILE C 8 -3.41 -14.35 19.49
C ILE C 8 -4.39 -13.21 19.80
N THR C 9 -4.53 -12.90 21.07
CA THR C 9 -5.50 -11.91 21.49
C THR C 9 -4.85 -10.54 21.74
N TYR C 10 -5.40 -9.50 21.16
CA TYR C 10 -4.82 -8.16 21.33
C TYR C 10 -5.80 -7.18 21.96
N ASN C 11 -5.25 -6.27 22.75
CA ASN C 11 -6.03 -5.16 23.29
C ASN C 11 -6.15 -4.07 22.25
N VAL C 12 -7.23 -3.30 22.35
CA VAL C 12 -7.42 -2.14 21.49
C VAL C 12 -6.25 -1.17 21.67
N GLN C 13 -5.72 -0.69 20.55
CA GLN C 13 -4.50 0.14 20.50
C GLN C 13 -3.20 -0.67 20.54
N ASP C 14 -3.28 -1.97 20.67
CA ASP C 14 -2.05 -2.76 20.58
C ASP C 14 -1.50 -2.67 19.19
N THR C 15 -0.18 -2.77 19.08
CA THR C 15 0.43 -2.95 17.77
C THR C 15 1.21 -4.25 17.80
N PHE C 16 1.39 -4.85 16.63
CA PHE C 16 2.08 -6.13 16.54
C PHE C 16 2.52 -6.37 15.12
N HIS C 17 3.42 -7.34 14.96
CA HIS C 17 3.85 -7.74 13.63
C HIS C 17 3.22 -9.06 13.25
N LYS C 18 3.14 -9.31 11.95
CA LYS C 18 2.52 -10.51 11.43
C LYS C 18 3.15 -10.84 10.09
N LYS C 19 3.43 -12.11 9.86
CA LYS C 19 3.97 -12.51 8.57
C LYS C 19 2.83 -12.82 7.62
N HIS C 20 2.79 -12.20 6.44
CA HIS C 20 1.74 -12.52 5.48
C HIS C 20 2.00 -13.94 4.99
N GLU C 21 0.97 -14.60 4.50
CA GLU C 21 1.11 -15.97 4.06
C GLU C 21 2.11 -16.09 2.90
N GLU C 22 2.17 -15.05 2.06
CA GLU C 22 3.10 -15.04 0.94
C GLU C 22 4.54 -14.74 1.35
N GLY C 23 4.77 -14.50 2.64
CA GLY C 23 6.14 -14.37 3.13
C GLY C 23 6.61 -13.03 3.65
N HIS C 24 5.98 -11.92 3.24
CA HIS C 24 6.45 -10.61 3.68
C HIS C 24 5.91 -10.25 5.07
N MET C 25 6.62 -9.39 5.80
CA MET C 25 6.19 -8.98 7.13
C MET C 25 5.23 -7.80 7.04
N LEU C 26 4.32 -7.72 8.01
CA LEU C 26 3.32 -6.65 8.14
C LEU C 26 3.44 -6.04 9.52
N ASN C 27 3.09 -4.76 9.65
CA ASN C 27 2.89 -4.16 10.96
C ASN C 27 1.41 -3.78 11.10
N CYS C 28 0.85 -4.05 12.28
CA CYS C 28 -0.59 -4.05 12.44
C CYS C 28 -0.99 -3.26 13.67
N THR C 29 -2.24 -2.83 13.68
CA THR C 29 -2.85 -2.22 14.85
C THR C 29 -4.18 -2.91 15.14
N CYS C 30 -4.49 -3.10 16.42
CA CYS C 30 -5.86 -3.50 16.83
C CYS C 30 -6.66 -2.22 17.10
N PHE C 31 -7.64 -1.89 16.27
CA PHE C 31 -8.43 -0.67 16.50
C PHE C 31 -9.71 -0.99 17.28
N GLY C 32 -10.22 -2.22 17.13
CA GLY C 32 -11.48 -2.60 17.74
C GLY C 32 -12.73 -2.02 17.07
N GLN C 33 -13.11 -0.82 17.47
CA GLN C 33 -14.25 -0.11 16.88
C GLN C 33 -15.55 -0.95 16.88
N GLY C 34 -15.75 -1.75 17.92
CA GLY C 34 -16.96 -2.53 18.01
C GLY C 34 -16.90 -3.88 17.34
N ARG C 35 -15.91 -4.14 16.50
CA ARG C 35 -15.88 -5.40 15.77
C ARG C 35 -14.57 -6.18 15.85
N GLY C 36 -13.76 -5.87 16.86
CA GLY C 36 -12.41 -6.45 16.92
C GLY C 36 -11.64 -6.13 15.65
N ARG C 37 -11.83 -4.92 15.14
CA ARG C 37 -11.19 -4.52 13.88
C ARG C 37 -9.68 -4.37 13.97
N TRP C 38 -8.97 -5.06 13.06
CA TRP C 38 -7.53 -4.95 12.96
C TRP C 38 -7.10 -4.70 11.52
N LYS C 39 -5.95 -4.03 11.37
CA LYS C 39 -5.37 -3.76 10.05
C LYS C 39 -3.86 -3.91 10.05
N CYS C 40 -3.32 -4.41 8.95
CA CYS C 40 -1.88 -4.63 8.81
C CYS C 40 -1.41 -3.98 7.51
N ASP C 41 -0.29 -3.28 7.58
CA ASP C 41 0.35 -2.71 6.40
C ASP C 41 1.65 -3.49 6.14
N PRO C 42 2.04 -3.61 4.87
CA PRO C 42 3.37 -4.16 4.62
C PRO C 42 4.46 -3.22 5.13
N VAL C 43 5.43 -3.82 5.83
CA VAL C 43 6.60 -3.11 6.35
C VAL C 43 7.52 -2.81 5.13
N ASP C 44 8.26 -1.69 5.15
CA ASP C 44 9.35 -1.46 4.19
C ASP C 44 10.38 -2.59 4.36
N GLN C 45 10.65 -3.30 3.28
CA GLN C 45 11.50 -4.49 3.34
C GLN C 45 11.95 -4.85 1.94
N CYS C 46 12.86 -5.82 1.84
CA CYS C 46 13.48 -6.12 0.57
C CYS C 46 13.03 -7.46 0.04
N GLN C 47 12.90 -7.57 -1.26
CA GLN C 47 12.58 -8.87 -1.84
C GLN C 47 13.64 -9.29 -2.83
N ASP C 48 14.24 -10.45 -2.57
CA ASP C 48 15.31 -10.94 -3.40
C ASP C 48 14.73 -11.39 -4.73
N SER C 49 15.15 -10.72 -5.79
CA SER C 49 14.57 -10.89 -7.10
C SER C 49 14.63 -12.33 -7.63
N GLU C 50 15.55 -13.13 -7.10
CA GLU C 50 15.70 -14.50 -7.59
C GLU C 50 14.89 -15.50 -6.77
N THR C 51 15.15 -15.53 -5.47
CA THR C 51 14.53 -16.53 -4.60
C THR C 51 13.12 -16.15 -4.18
N GLY C 52 12.75 -14.89 -4.38
CA GLY C 52 11.45 -14.41 -3.93
C GLY C 52 11.39 -14.20 -2.43
N THR C 53 12.47 -14.54 -1.74
CA THR C 53 12.55 -14.41 -0.28
C THR C 53 12.57 -12.95 0.18
N PHE C 54 11.88 -12.68 1.29
CA PHE C 54 11.84 -11.36 1.90
C PHE C 54 12.89 -11.21 2.98
N TYR C 55 13.49 -10.02 3.04
CA TYR C 55 14.44 -9.69 4.08
C TYR C 55 14.05 -8.36 4.71
N GLN C 56 14.29 -8.23 6.00
CA GLN C 56 13.97 -7.00 6.71
C GLN C 56 15.18 -6.07 6.69
N ILE C 57 14.91 -4.77 6.77
CA ILE C 57 15.96 -3.77 6.89
C ILE C 57 17.01 -4.23 7.90
N GLY C 58 18.28 -4.10 7.54
CA GLY C 58 19.35 -4.57 8.41
C GLY C 58 19.72 -6.04 8.21
N ASP C 59 18.90 -6.78 7.49
CA ASP C 59 19.23 -8.19 7.26
C ASP C 59 20.30 -8.29 6.19
N SER C 60 21.16 -9.28 6.32
CA SER C 60 22.08 -9.57 5.25
C SER C 60 21.90 -11.00 4.78
N TRP C 61 22.26 -11.26 3.53
CA TRP C 61 22.19 -12.61 3.02
C TRP C 61 23.17 -12.87 1.91
N GLU C 62 23.34 -14.16 1.58
CA GLU C 62 24.24 -14.56 0.53
C GLU C 62 23.49 -15.14 -0.64
N LYS C 63 24.02 -14.93 -1.85
CA LYS C 63 23.47 -15.61 -3.01
C LYS C 63 24.43 -15.63 -4.20
N TYR C 64 24.25 -16.61 -5.08
CA TYR C 64 25.00 -16.68 -6.33
C TYR C 64 24.23 -16.00 -7.45
N VAL C 65 24.82 -14.98 -8.04
CA VAL C 65 24.20 -14.32 -9.18
C VAL C 65 25.10 -14.42 -10.39
N HIS C 66 24.65 -15.19 -11.38
CA HIS C 66 25.41 -15.38 -12.61
C HIS C 66 26.75 -16.05 -12.32
N GLY C 67 26.77 -16.90 -11.30
CA GLY C 67 27.95 -17.65 -10.96
C GLY C 67 28.92 -16.93 -10.04
N VAL C 68 28.55 -15.71 -9.64
CA VAL C 68 29.33 -14.90 -8.71
C VAL C 68 28.63 -14.79 -7.38
N ARG C 69 29.36 -15.08 -6.31
CA ARG C 69 28.82 -15.05 -4.95
C ARG C 69 28.78 -13.62 -4.44
N TYR C 70 27.59 -13.12 -4.14
CA TYR C 70 27.45 -11.74 -3.67
C TYR C 70 26.99 -11.70 -2.24
N GLN C 71 27.26 -10.59 -1.57
CA GLN C 71 26.71 -10.37 -0.25
C GLN C 71 25.75 -9.20 -0.36
N CYS C 72 24.54 -9.41 0.14
CA CYS C 72 23.48 -8.45 0.03
C CYS C 72 23.08 -7.96 1.39
N TYR C 73 22.46 -6.79 1.37
CA TYR C 73 22.03 -6.14 2.59
C TYR C 73 20.78 -5.34 2.25
N CYS C 74 19.79 -5.36 3.15
CA CYS C 74 18.53 -4.65 2.92
C CYS C 74 18.51 -3.30 3.63
N TYR C 75 18.49 -2.23 2.86
CA TYR C 75 18.61 -0.88 3.40
C TYR C 75 17.23 -0.27 3.63
N GLY C 76 16.30 -0.63 2.74
CA GLY C 76 14.93 -0.15 2.89
C GLY C 76 14.67 1.20 2.23
N ARG C 77 14.76 2.28 2.99
CA ARG C 77 14.64 3.61 2.38
C ARG C 77 13.25 3.89 1.80
N GLY C 78 12.24 3.21 2.32
CA GLY C 78 10.87 3.48 1.93
C GLY C 78 10.43 2.80 0.64
N ILE C 79 11.35 2.08 0.01
CA ILE C 79 11.08 1.49 -1.29
C ILE C 79 11.68 0.10 -1.44
N GLY C 80 12.24 -0.41 -0.35
CA GLY C 80 12.76 -1.76 -0.31
C GLY C 80 14.10 -1.92 -1.01
N GLU C 81 14.99 -0.94 -0.80
CA GLU C 81 16.29 -0.94 -1.45
C GLU C 81 17.23 -1.95 -0.81
N TRP C 82 17.86 -2.76 -1.65
CA TRP C 82 18.94 -3.65 -1.24
C TRP C 82 20.04 -3.61 -2.26
N HIS C 83 21.27 -3.87 -1.84
CA HIS C 83 22.36 -3.98 -2.79
C HIS C 83 23.27 -5.10 -2.42
N CYS C 84 24.00 -5.59 -3.42
CA CYS C 84 24.85 -6.73 -3.22
C CYS C 84 26.24 -6.36 -3.67
N GLN C 85 27.22 -7.09 -3.15
CA GLN C 85 28.60 -6.91 -3.55
C GLN C 85 29.31 -8.24 -3.47
N PRO C 86 30.27 -8.48 -4.37
CA PRO C 86 30.96 -9.77 -4.36
C PRO C 86 31.65 -10.03 -3.03
N LEU C 87 31.73 -11.30 -2.65
CA LEU C 87 32.37 -11.70 -1.41
C LEU C 87 33.83 -11.25 -1.35
N GLY D 1 18.38 -3.24 -6.26
CA GLY D 1 17.32 -3.85 -5.48
C GLY D 1 16.22 -2.87 -5.14
N GLN D 2 15.03 -3.09 -5.72
CA GLN D 2 13.87 -2.23 -5.50
C GLN D 2 12.58 -3.00 -5.77
N ARG D 3 11.47 -2.58 -5.15
CA ARG D 3 10.19 -3.26 -5.34
C ARG D 3 9.54 -2.91 -6.68
N VAL D 5 7.17 -1.42 -8.82
CA VAL D 5 6.12 -0.41 -8.71
C VAL D 5 4.81 -1.01 -8.20
N VAL D 6 4.82 -2.31 -7.89
CA VAL D 6 3.66 -2.97 -7.32
C VAL D 6 3.87 -3.37 -5.86
N GLY D 7 3.18 -2.69 -4.96
CA GLY D 7 3.34 -2.92 -3.54
C GLY D 7 2.96 -4.32 -3.08
N LEU D 8 3.48 -4.71 -1.93
CA LEU D 8 3.04 -5.93 -1.28
C LEU D 8 1.64 -5.71 -0.70
N GLY D 10 -1.34 -5.64 2.05
CA GLY D 10 -1.59 -5.57 3.47
C GLY D 10 -2.61 -6.63 3.77
N GLN D 11 -3.14 -6.58 4.99
CA GLN D 11 -4.17 -7.51 5.38
C GLN D 11 -5.03 -6.81 6.42
N ARG D 12 -6.28 -7.26 6.53
N ARG D 12 -6.30 -7.22 6.49
CA ARG D 12 -7.17 -6.72 7.55
CA ARG D 12 -7.21 -6.67 7.51
C ARG D 12 -8.15 -7.78 7.97
C ARG D 12 -8.24 -7.70 7.90
N GLY D 13 -8.82 -7.53 9.08
CA GLY D 13 -9.91 -8.37 9.48
C GLY D 13 -10.74 -7.78 10.60
N GLU D 14 -11.75 -8.53 10.99
CA GLU D 14 -12.60 -8.17 12.11
C GLU D 14 -13.61 -9.26 12.31
N ARG D 15 -14.32 -9.19 13.43
CA ARG D 15 -15.45 -10.06 13.69
C ARG D 15 -16.56 -9.76 12.69
N GLY D 16 -16.89 -10.75 11.89
CA GLY D 16 -17.95 -10.59 10.91
C GLY D 16 -17.41 -10.06 9.60
N PHE D 17 -16.10 -10.13 9.40
CA PHE D 17 -15.56 -9.91 8.07
C PHE D 17 -16.37 -10.85 7.16
N GLY D 19 -17.88 -13.46 5.10
CA GLY D 19 -17.55 -14.77 4.55
C GLY D 19 -18.07 -15.93 5.40
N LEU D 20 -18.93 -16.77 4.82
CA LEU D 20 -19.55 -17.86 5.56
C LEU D 20 -18.97 -19.23 5.15
N GLY D 22 -18.01 -23.32 4.73
CA GLY D 22 -18.66 -24.56 4.35
C GLY D 22 -19.07 -24.58 2.90
N TYR D 23 -19.66 -25.71 2.48
CA TYR D 23 -20.26 -25.81 1.15
C TYR D 23 -21.34 -24.77 0.95
#